data_5MGE
#
_entry.id   5MGE
#
_cell.length_a   79.949
_cell.length_b   96.753
_cell.length_c   57.980
_cell.angle_alpha   90.000
_cell.angle_beta   90.000
_cell.angle_gamma   90.000
#
_symmetry.space_group_name_H-M   'C 2 2 21'
#
loop_
_entity.id
_entity.type
_entity.pdbx_description
1 polymer 'Bromodomain adjacent to zinc finger domain protein 2B'
2 non-polymer 'ethyl 4-chloranyl-1-methyl-6-oxidanylidene-pyridine-3-carboxylate'
3 water water
#
_entity_poly.entity_id   1
_entity_poly.type   'polypeptide(L)'
_entity_poly.pdbx_seq_one_letter_code
;SMSVKKPKRDDSKDLALCSMILTEMETHEDAWPFLLPVNLKLVPGYKKVIKKPMDFSTIREKLSSGQYPNLETFALDVRL
VFDNCETFNEDDSDIGRAGHNMRKYFEKKWTDTFKV
;
_entity_poly.pdbx_strand_id   A
#
loop_
_chem_comp.id
_chem_comp.type
_chem_comp.name
_chem_comp.formula
7MX non-polymer 'ethyl 4-chloranyl-1-methyl-6-oxidanylidene-pyridine-3-carboxylate' 'C9 H10 Cl N O3'
#
# COMPACT_ATOMS: atom_id res chain seq x y z
N SER A 1 -27.31 13.98 2.03
CA SER A 1 -28.04 14.02 0.77
C SER A 1 -28.09 15.46 0.23
N MET A 2 -28.81 15.66 -0.88
CA MET A 2 -28.91 16.96 -1.53
C MET A 2 -29.23 18.07 -0.53
N SER A 3 -28.28 19.00 -0.39
CA SER A 3 -28.40 20.18 0.48
C SER A 3 -28.39 19.85 1.97
N VAL A 4 -27.96 18.64 2.31
CA VAL A 4 -27.79 18.23 3.70
C VAL A 4 -26.31 17.92 3.90
N LYS A 5 -25.56 18.93 4.32
CA LYS A 5 -24.10 18.84 4.39
C LYS A 5 -23.68 18.13 5.67
N LYS A 6 -22.76 17.18 5.48
CA LYS A 6 -22.23 16.39 6.57
C LYS A 6 -20.88 16.95 6.99
N PRO A 7 -20.62 16.99 8.30
CA PRO A 7 -19.29 17.40 8.77
C PRO A 7 -18.20 16.52 8.18
N LYS A 8 -17.16 17.16 7.65
CA LYS A 8 -16.08 16.47 6.95
C LYS A 8 -14.78 16.67 7.70
N ARG A 9 -13.96 15.62 7.81
CA ARG A 9 -12.64 15.79 8.41
C ARG A 9 -11.78 16.65 7.50
N ASP A 10 -10.79 17.31 8.08
CA ASP A 10 -9.85 18.14 7.32
C ASP A 10 -8.89 17.24 6.54
N ASP A 11 -8.89 17.36 5.22
CA ASP A 11 -8.10 16.47 4.38
C ASP A 11 -6.92 17.18 3.72
N SER A 12 -6.65 18.41 4.12
CA SER A 12 -5.64 19.24 3.46
C SER A 12 -4.23 18.70 3.59
N LYS A 13 -3.98 17.94 4.65
CA LYS A 13 -2.64 17.41 4.92
C LYS A 13 -2.46 15.97 4.42
N ASP A 14 -3.51 15.39 3.86
CA ASP A 14 -3.52 13.95 3.53
C ASP A 14 -2.43 13.52 2.57
N LEU A 15 -2.25 14.29 1.49
CA LEU A 15 -1.24 13.98 0.50
C LEU A 15 0.15 13.88 1.13
N ALA A 16 0.47 14.85 1.98
CA ALA A 16 1.77 14.94 2.61
C ALA A 16 1.98 13.82 3.63
N LEU A 17 0.94 13.49 4.38
CA LEU A 17 1.00 12.42 5.37
C LEU A 17 1.11 11.03 4.73
N CYS A 18 0.40 10.83 3.63
CA CYS A 18 0.52 9.56 2.90
C CYS A 18 1.92 9.41 2.32
N SER A 19 2.48 10.51 1.82
CA SER A 19 3.84 10.49 1.28
C SER A 19 4.87 10.16 2.35
N MET A 20 4.65 10.70 3.54
CA MET A 20 5.49 10.40 4.69
C MET A 20 5.40 8.93 5.10
N ILE A 21 4.18 8.43 5.22
CA ILE A 21 3.96 7.02 5.52
C ILE A 21 4.60 6.12 4.45
N LEU A 22 4.45 6.48 3.18
CA LEU A 22 5.03 5.65 2.11
C LEU A 22 6.55 5.65 2.19
N THR A 23 7.15 6.79 2.54
CA THR A 23 8.60 6.87 2.70
C THR A 23 9.08 5.93 3.81
N GLU A 24 8.34 5.87 4.90
CA GLU A 24 8.68 4.97 5.99
C GLU A 24 8.57 3.50 5.56
N MET A 25 7.60 3.21 4.70
CA MET A 25 7.47 1.87 4.13
C MET A 25 8.67 1.52 3.27
N GLU A 26 8.99 2.45 2.37
CA GLU A 26 10.09 2.26 1.42
C GLU A 26 11.44 2.01 2.09
N THR A 27 11.63 2.57 3.28
CA THR A 27 12.92 2.48 3.95
C THR A 27 12.98 1.40 5.04
N HIS A 28 11.87 0.70 5.25
CA HIS A 28 11.83 -0.44 6.16
C HIS A 28 12.74 -1.54 5.61
N GLU A 29 13.48 -2.24 6.47
CA GLU A 29 14.43 -3.22 5.98
C GLU A 29 13.74 -4.41 5.31
N ASP A 30 12.48 -4.65 5.66
CA ASP A 30 11.73 -5.75 5.07
C ASP A 30 10.94 -5.30 3.82
N ALA A 31 11.25 -4.11 3.30
CA ALA A 31 10.49 -3.60 2.14
C ALA A 31 10.94 -4.21 0.80
N TRP A 32 12.05 -4.95 0.81
CA TRP A 32 12.68 -5.38 -0.42
C TRP A 32 11.78 -6.18 -1.40
N PRO A 33 10.86 -7.02 -0.89
CA PRO A 33 10.09 -7.71 -1.94
C PRO A 33 9.05 -6.82 -2.62
N PHE A 34 8.88 -5.58 -2.15
CA PHE A 34 7.73 -4.79 -2.57
C PHE A 34 8.11 -3.46 -3.22
N LEU A 35 9.39 -3.25 -3.45
CA LEU A 35 9.87 -1.97 -3.93
C LEU A 35 9.56 -1.77 -5.41
N LEU A 36 9.64 -2.85 -6.19
CA LEU A 36 9.41 -2.81 -7.63
C LEU A 36 8.34 -3.81 -8.02
N PRO A 37 7.71 -3.64 -9.20
CA PRO A 37 6.75 -4.65 -9.66
C PRO A 37 7.41 -6.03 -9.74
N VAL A 38 6.66 -7.08 -9.39
CA VAL A 38 7.15 -8.43 -9.59
C VAL A 38 7.41 -8.60 -11.09
N ASN A 39 8.56 -9.16 -11.44
CA ASN A 39 8.92 -9.33 -12.84
C ASN A 39 8.11 -10.46 -13.46
N LEU A 40 7.15 -10.11 -14.31
CA LEU A 40 6.21 -11.10 -14.83
C LEU A 40 6.86 -12.03 -15.84
N LYS A 41 8.09 -11.74 -16.20
CA LYS A 41 8.78 -12.54 -17.18
C LYS A 41 9.66 -13.57 -16.51
N LEU A 42 10.06 -13.31 -15.28
CA LEU A 42 10.97 -14.20 -14.56
C LEU A 42 10.25 -15.02 -13.51
N VAL A 43 9.08 -14.57 -13.08
CA VAL A 43 8.38 -15.21 -11.98
C VAL A 43 7.21 -16.03 -12.47
N PRO A 44 7.34 -17.37 -12.41
CA PRO A 44 6.34 -18.31 -12.91
C PRO A 44 5.05 -18.24 -12.11
N GLY A 45 3.91 -18.14 -12.79
CA GLY A 45 2.62 -18.13 -12.13
C GLY A 45 2.04 -16.75 -11.84
N TYR A 46 2.90 -15.77 -11.59
CA TYR A 46 2.42 -14.50 -11.01
C TYR A 46 1.36 -13.81 -11.86
N LYS A 47 1.61 -13.73 -13.17
CA LYS A 47 0.74 -12.97 -14.05
C LYS A 47 -0.67 -13.56 -14.11
N LYS A 48 -0.75 -14.88 -14.14
CA LYS A 48 -2.03 -15.58 -14.20
C LYS A 48 -2.77 -15.60 -12.86
N VAL A 49 -2.02 -15.71 -11.77
CA VAL A 49 -2.60 -15.86 -10.44
C VAL A 49 -3.00 -14.51 -9.84
N ILE A 50 -2.18 -13.49 -10.06
CA ILE A 50 -2.38 -12.22 -9.37
C ILE A 50 -3.03 -11.22 -10.33
N LYS A 51 -4.32 -11.00 -10.13
CA LYS A 51 -5.11 -10.21 -11.07
C LYS A 51 -4.75 -8.73 -11.08
N LYS A 52 -4.45 -8.17 -9.92
CA LYS A 52 -4.00 -6.78 -9.86
C LYS A 52 -2.70 -6.62 -9.10
N PRO A 53 -1.59 -6.71 -9.79
CA PRO A 53 -0.27 -6.48 -9.19
C PRO A 53 -0.15 -5.05 -8.66
N MET A 54 0.59 -4.89 -7.57
CA MET A 54 0.83 -3.57 -7.00
C MET A 54 2.11 -3.60 -6.18
N ASP A 55 2.82 -2.48 -6.16
CA ASP A 55 4.11 -2.39 -5.44
C ASP A 55 4.33 -0.94 -5.02
N PHE A 56 5.33 -0.70 -4.16
CA PHE A 56 5.53 0.65 -3.61
C PHE A 56 5.90 1.67 -4.67
N SER A 57 6.66 1.29 -5.70
CA SER A 57 7.08 2.28 -6.69
C SER A 57 5.88 2.74 -7.52
N THR A 58 4.96 1.82 -7.78
CA THR A 58 3.75 2.16 -8.54
C THR A 58 2.84 3.08 -7.71
N ILE A 59 2.72 2.77 -6.42
CA ILE A 59 1.98 3.63 -5.49
C ILE A 59 2.62 5.02 -5.43
N ARG A 60 3.95 5.07 -5.33
CA ARG A 60 4.67 6.34 -5.28
C ARG A 60 4.39 7.18 -6.52
N GLU A 61 4.35 6.51 -7.68
CA GLU A 61 4.10 7.21 -8.94
C GLU A 61 2.67 7.75 -9.01
N LYS A 62 1.71 6.94 -8.60
CA LYS A 62 0.34 7.37 -8.52
C LYS A 62 0.14 8.51 -7.54
N LEU A 63 0.75 8.46 -6.40
CA LEU A 63 0.65 9.54 -5.41
C LEU A 63 1.25 10.85 -5.93
N SER A 64 2.31 10.74 -6.73
CA SER A 64 3.06 11.91 -7.21
C SER A 64 2.41 12.55 -8.44
N SER A 65 1.42 11.86 -9.01
CA SER A 65 0.78 12.31 -10.24
C SER A 65 -0.73 12.45 -10.06
N GLY A 66 -1.17 12.58 -8.82
CA GLY A 66 -2.57 12.88 -8.53
C GLY A 66 -3.56 11.80 -8.92
N GLN A 67 -3.15 10.53 -8.82
CA GLN A 67 -4.03 9.44 -9.24
C GLN A 67 -4.78 8.79 -8.07
N TYR A 68 -4.58 9.30 -6.85
CA TYR A 68 -5.41 8.90 -5.72
C TYR A 68 -6.39 10.02 -5.39
N PRO A 69 -7.69 9.74 -5.53
CA PRO A 69 -8.73 10.75 -5.25
C PRO A 69 -8.78 11.12 -3.78
N ASN A 70 -8.53 10.14 -2.91
CA ASN A 70 -8.61 10.34 -1.46
C ASN A 70 -7.68 9.34 -0.76
N LEU A 71 -7.51 9.49 0.55
CA LEU A 71 -6.54 8.68 1.28
C LEU A 71 -6.98 7.21 1.35
N GLU A 72 -8.27 6.96 1.29
CA GLU A 72 -8.76 5.61 1.31
C GLU A 72 -8.39 4.81 0.09
N THR A 73 -8.32 5.43 -1.05
CA THR A 73 -7.89 4.71 -2.26
C THR A 73 -6.39 4.41 -2.18
N PHE A 74 -5.65 5.26 -1.48
CA PHE A 74 -4.23 5.03 -1.22
C PHE A 74 -4.05 3.78 -0.35
N ALA A 75 -4.82 3.72 0.74
CA ALA A 75 -4.76 2.57 1.65
C ALA A 75 -5.17 1.26 0.96
N LEU A 76 -6.10 1.34 0.02
CA LEU A 76 -6.53 0.15 -0.72
C LEU A 76 -5.37 -0.45 -1.52
N ASP A 77 -4.59 0.41 -2.17
CA ASP A 77 -3.46 -0.05 -2.98
C ASP A 77 -2.36 -0.61 -2.07
N VAL A 78 -2.11 0.04 -0.93
CA VAL A 78 -1.09 -0.49 -0.01
C VAL A 78 -1.49 -1.88 0.46
N ARG A 79 -2.75 -2.03 0.89
CA ARG A 79 -3.21 -3.32 1.40
C ARG A 79 -3.21 -4.37 0.30
N LEU A 80 -3.46 -3.93 -0.92
CA LEU A 80 -3.42 -4.80 -2.11
C LEU A 80 -2.05 -5.46 -2.24
N VAL A 81 -0.99 -4.69 -1.97
CA VAL A 81 0.37 -5.24 -1.95
C VAL A 81 0.49 -6.45 -1.01
N PHE A 82 -0.02 -6.33 0.21
CA PHE A 82 0.17 -7.41 1.18
C PHE A 82 -0.84 -8.54 1.01
N ASP A 83 -1.99 -8.22 0.42
CA ASP A 83 -2.97 -9.26 0.05
C ASP A 83 -2.45 -10.11 -1.11
N ASN A 84 -1.84 -9.49 -2.10
CA ASN A 84 -1.20 -10.24 -3.18
C ASN A 84 -0.10 -11.13 -2.63
N CYS A 85 0.68 -10.58 -1.70
CA CYS A 85 1.78 -11.32 -1.08
C CYS A 85 1.27 -12.57 -0.40
N GLU A 86 0.16 -12.45 0.32
CA GLU A 86 -0.40 -13.59 1.07
C GLU A 86 -0.96 -14.65 0.13
N THR A 87 -1.43 -14.21 -1.02
CA THR A 87 -1.98 -15.13 -2.02
C THR A 87 -0.88 -15.98 -2.65
N PHE A 88 0.30 -15.39 -2.81
CA PHE A 88 1.33 -16.03 -3.63
C PHE A 88 2.42 -16.72 -2.82
N ASN A 89 2.55 -16.35 -1.55
CA ASN A 89 3.65 -16.82 -0.72
C ASN A 89 3.19 -17.53 0.54
N GLU A 90 3.90 -18.58 0.93
CA GLU A 90 3.71 -19.21 2.23
C GLU A 90 4.06 -18.22 3.36
N ASP A 91 3.32 -18.26 4.46
CA ASP A 91 3.65 -17.47 5.65
C ASP A 91 5.06 -17.78 6.15
N ASP A 92 5.46 -19.03 6.05
CA ASP A 92 6.75 -19.45 6.55
C ASP A 92 7.92 -19.06 5.69
N SER A 93 7.69 -18.26 4.66
CA SER A 93 8.72 -17.92 3.69
C SER A 93 9.24 -16.55 4.05
N ASP A 94 10.40 -16.19 3.51
CA ASP A 94 10.98 -14.88 3.82
C ASP A 94 10.09 -13.76 3.30
N ILE A 95 9.63 -13.90 2.06
CA ILE A 95 8.73 -12.89 1.47
C ILE A 95 7.39 -12.88 2.21
N GLY A 96 6.87 -14.07 2.51
CA GLY A 96 5.64 -14.19 3.26
C GLY A 96 5.68 -13.49 4.61
N ARG A 97 6.74 -13.72 5.37
CA ARG A 97 6.87 -13.08 6.68
C ARG A 97 7.12 -11.58 6.55
N ALA A 98 7.89 -11.20 5.52
CA ALA A 98 8.13 -9.78 5.24
C ALA A 98 6.80 -9.07 5.01
N GLY A 99 5.91 -9.72 4.27
CA GLY A 99 4.59 -9.17 4.02
C GLY A 99 3.81 -8.95 5.29
N HIS A 100 3.79 -9.96 6.16
CA HIS A 100 3.08 -9.84 7.43
C HIS A 100 3.65 -8.69 8.27
N ASN A 101 4.97 -8.60 8.35
CA ASN A 101 5.62 -7.53 9.09
C ASN A 101 5.27 -6.14 8.55
N MET A 102 5.30 -6.00 7.23
CA MET A 102 5.01 -4.71 6.59
C MET A 102 3.55 -4.29 6.76
N ARG A 103 2.63 -5.25 6.69
CA ARG A 103 1.22 -4.96 6.90
C ARG A 103 0.98 -4.40 8.29
N LYS A 104 1.51 -5.09 9.29
CA LYS A 104 1.39 -4.62 10.67
C LYS A 104 2.00 -3.23 10.82
N TYR A 105 3.17 -3.06 10.24
CA TYR A 105 3.88 -1.77 10.29
C TYR A 105 3.03 -0.64 9.67
N PHE A 106 2.41 -0.93 8.53
CA PHE A 106 1.54 0.07 7.86
C PHE A 106 0.35 0.46 8.71
N GLU A 107 -0.35 -0.55 9.23
CA GLU A 107 -1.63 -0.32 9.88
C GLU A 107 -1.47 0.49 11.16
N LYS A 108 -0.36 0.30 11.88
CA LYS A 108 -0.15 1.10 13.09
C LYS A 108 0.10 2.56 12.72
N LYS A 109 0.83 2.79 11.63
CA LYS A 109 1.07 4.15 11.18
C LYS A 109 -0.21 4.80 10.66
N TRP A 110 -1.03 4.02 9.99
CA TRP A 110 -2.32 4.50 9.51
C TRP A 110 -3.21 4.96 10.66
N THR A 111 -3.33 4.12 11.69
CA THR A 111 -4.11 4.46 12.88
C THR A 111 -3.52 5.66 13.61
N ASP A 112 -2.22 5.62 13.85
CA ASP A 112 -1.56 6.69 14.58
C ASP A 112 -1.64 8.03 13.87
N THR A 113 -1.75 8.01 12.54
CA THR A 113 -1.74 9.24 11.74
C THR A 113 -3.14 9.81 11.49
N PHE A 114 -4.11 8.95 11.19
CA PHE A 114 -5.40 9.42 10.71
C PHE A 114 -6.58 9.13 11.64
N LYS A 115 -6.50 8.04 12.39
CA LYS A 115 -7.48 7.82 13.46
C LYS A 115 -7.17 8.84 14.56
N VAL A 116 -7.28 10.12 14.18
CA VAL A 116 -6.62 11.28 14.81
C VAL A 116 -6.00 11.01 16.17
C01 7MX B . 12.96 -8.65 -5.17
C02 7MX B . 12.25 -9.98 -5.13
O03 7MX B . 10.89 -9.77 -5.45
C04 7MX B . 10.26 -10.85 -6.09
O05 7MX B . 10.79 -11.38 -7.03
C06 7MX B . 8.89 -11.26 -5.59
C07 7MX B . 8.14 -10.29 -4.71
N08 7MX B . 6.80 -10.61 -4.22
C09 7MX B . 6.10 -9.70 -3.39
C10 7MX B . 6.18 -11.88 -4.58
O11 7MX B . 5.06 -12.13 -4.18
C12 7MX B . 6.90 -12.86 -5.48
C13 7MX B . 8.25 -12.54 -5.97
CL 7MX B . 9.08 -13.68 -6.98
#